data_6DB4
#
_entry.id   6DB4
#
_cell.length_a   48.142
_cell.length_b   75.137
_cell.length_c   88.558
_cell.angle_alpha   90.000
_cell.angle_beta   90.000
_cell.angle_gamma   90.000
#
_symmetry.space_group_name_H-M   'P 21 21 21'
#
loop_
_entity.id
_entity.type
_entity.pdbx_description
1 polymer 'Tyrosine-protein kinase JAK3'
2 non-polymer N-[(1S)-6-(5-phenyl-7H-pyrrolo[2,3-d]pyrimidin-4-yl)-2,3-dihydro-1H-inden-1-yl]imidoformamide
3 water water
#
_entity_poly.entity_id   1
_entity_poly.type   'polypeptide(L)'
_entity_poly.pdbx_seq_one_letter_code
;MGHHHHHHQDPTIFEERHLKYISQLGKGNFGSVELCRYDPLGDNTGALVAVKQLQHSGPDQQRDFQREIQILKALHSDFI
VKYRGVSYGPGRQSLRLVMEYLPSGCLRDFLQRHRARLDASRLLLYSSQICKGMEYLGSRRCVHRDLAARNILVESEAHV
KIADFGLAKLLPLDKDYYVVREPGQSPIFWYAPESLSDNIFSRQSDVWSFGVVLYELFTYCDKSCSPSAEFLRMMGCERD
VPALSRLLELLEEGQRLPAPPACPAEVHELMKLCWAPSPQDRPSFSALGPQLDMLWSGSRGCETHAFTAHPEGKHHSLSF
S
;
_entity_poly.pdbx_strand_id   A
#
loop_
_chem_comp.id
_chem_comp.type
_chem_comp.name
_chem_comp.formula
G4Y non-polymer N-[(1S)-6-(5-phenyl-7H-pyrrolo[2,3-d]pyrimidin-4-yl)-2,3-dihydro-1H-inden-1-yl]imidoformamide 'C22 H19 N5'
#
# COMPACT_ATOMS: atom_id res chain seq x y z
N PRO A 11 -7.74 -26.02 -6.77
CA PRO A 11 -7.51 -24.86 -7.65
C PRO A 11 -6.35 -23.95 -7.20
N THR A 12 -5.74 -24.21 -6.02
CA THR A 12 -4.63 -23.39 -5.48
C THR A 12 -3.21 -23.80 -5.98
N ILE A 13 -3.14 -24.78 -6.91
CA ILE A 13 -1.89 -25.23 -7.52
C ILE A 13 -2.00 -24.96 -9.03
N PHE A 14 -1.13 -24.10 -9.54
CA PHE A 14 -1.12 -23.68 -10.95
C PHE A 14 0.09 -24.35 -11.63
N GLU A 15 -0.15 -25.08 -12.74
CA GLU A 15 0.98 -25.71 -13.45
C GLU A 15 1.69 -24.66 -14.29
N GLU A 16 3.05 -24.60 -14.22
CA GLU A 16 3.87 -23.63 -14.96
C GLU A 16 3.57 -23.62 -16.45
N ARG A 17 3.43 -24.84 -17.05
CA ARG A 17 3.21 -24.99 -18.49
C ARG A 17 1.92 -24.31 -18.94
N HIS A 18 0.98 -24.09 -18.00
CA HIS A 18 -0.31 -23.49 -18.31
C HIS A 18 -0.34 -21.98 -18.08
N LEU A 19 0.73 -21.39 -17.51
CA LEU A 19 0.79 -19.94 -17.26
C LEU A 19 1.42 -19.29 -18.47
N LYS A 20 0.62 -18.55 -19.21
CA LYS A 20 1.05 -17.91 -20.44
C LYS A 20 1.42 -16.47 -20.24
N TYR A 21 2.69 -16.14 -20.48
CA TYR A 21 3.14 -14.78 -20.30
C TYR A 21 2.46 -13.79 -21.23
N ILE A 22 1.99 -12.66 -20.66
CA ILE A 22 1.39 -11.60 -21.47
C ILE A 22 2.24 -10.36 -21.43
N SER A 23 2.48 -9.81 -20.22
CA SER A 23 3.24 -8.56 -20.08
C SER A 23 3.75 -8.39 -18.65
N GLN A 24 4.54 -7.32 -18.42
CA GLN A 24 5.08 -6.96 -17.13
C GLN A 24 4.10 -6.01 -16.42
N LEU A 25 3.81 -6.28 -15.15
CA LEU A 25 2.98 -5.33 -14.37
C LEU A 25 3.90 -4.46 -13.49
N GLY A 26 4.98 -5.05 -12.98
CA GLY A 26 5.91 -4.33 -12.12
C GLY A 26 7.23 -5.00 -11.82
N LYS A 27 8.19 -4.22 -11.29
CA LYS A 27 9.51 -4.70 -10.85
C LYS A 27 9.79 -4.18 -9.44
N GLY A 28 10.06 -5.10 -8.53
CA GLY A 28 10.26 -4.76 -7.13
C GLY A 28 11.72 -4.64 -6.71
N ASN A 29 12.03 -5.13 -5.50
CA ASN A 29 13.37 -5.11 -4.93
C ASN A 29 14.22 -6.12 -5.69
N PHE A 30 13.88 -7.42 -5.59
CA PHE A 30 14.55 -8.51 -6.27
C PHE A 30 13.49 -9.46 -6.90
N GLY A 31 12.31 -8.88 -7.19
CA GLY A 31 11.19 -9.59 -7.80
C GLY A 31 10.53 -8.86 -8.95
N SER A 32 9.61 -9.55 -9.63
CA SER A 32 8.83 -8.99 -10.73
C SER A 32 7.41 -9.52 -10.63
N VAL A 33 6.47 -8.76 -11.15
CA VAL A 33 5.05 -9.17 -11.20
C VAL A 33 4.65 -9.14 -12.65
N GLU A 34 4.10 -10.25 -13.14
CA GLU A 34 3.72 -10.36 -14.54
C GLU A 34 2.24 -10.63 -14.69
N LEU A 35 1.67 -10.14 -15.82
CA LEU A 35 0.31 -10.46 -16.19
C LEU A 35 0.42 -11.74 -17.01
N CYS A 36 -0.27 -12.80 -16.59
CA CYS A 36 -0.28 -14.08 -17.32
C CYS A 36 -1.70 -14.49 -17.55
N ARG A 37 -1.91 -15.40 -18.51
CA ARG A 37 -3.22 -16.00 -18.64
C ARG A 37 -3.07 -17.43 -18.13
N TYR A 38 -3.94 -17.88 -17.20
CA TYR A 38 -3.87 -19.28 -16.79
C TYR A 38 -4.74 -19.99 -17.79
N ASP A 39 -4.08 -20.66 -18.75
CA ASP A 39 -4.78 -21.21 -19.91
C ASP A 39 -4.56 -22.72 -20.08
N PRO A 40 -5.11 -23.55 -19.17
CA PRO A 40 -4.91 -25.00 -19.27
C PRO A 40 -5.46 -25.60 -20.58
N LEU A 41 -6.46 -24.94 -21.18
CA LEU A 41 -7.01 -25.43 -22.45
C LEU A 41 -6.15 -25.04 -23.64
N GLY A 42 -5.31 -24.02 -23.51
CA GLY A 42 -4.42 -23.54 -24.57
C GLY A 42 -5.14 -22.88 -25.73
N ASP A 43 -6.37 -22.36 -25.49
CA ASP A 43 -7.16 -21.72 -26.53
C ASP A 43 -7.40 -20.22 -26.31
N ASN A 44 -6.63 -19.59 -25.36
CA ASN A 44 -6.75 -18.17 -25.02
C ASN A 44 -8.04 -17.78 -24.32
N THR A 45 -8.77 -18.76 -23.74
CA THR A 45 -10.04 -18.45 -23.06
C THR A 45 -9.91 -18.40 -21.54
N GLY A 46 -8.75 -18.82 -21.02
CA GLY A 46 -8.47 -18.80 -19.59
C GLY A 46 -8.45 -17.41 -18.97
N ALA A 47 -8.52 -17.37 -17.65
CA ALA A 47 -8.53 -16.16 -16.83
C ALA A 47 -7.14 -15.52 -16.71
N LEU A 48 -7.12 -14.20 -16.62
CA LEU A 48 -5.89 -13.45 -16.40
C LEU A 48 -5.58 -13.43 -14.91
N VAL A 49 -4.28 -13.56 -14.57
CA VAL A 49 -3.80 -13.56 -13.18
C VAL A 49 -2.54 -12.70 -13.08
N ALA A 50 -2.26 -12.17 -11.88
CA ALA A 50 -1.02 -11.42 -11.61
C ALA A 50 -0.08 -12.42 -10.91
N VAL A 51 1.13 -12.55 -11.45
CA VAL A 51 2.06 -13.57 -10.96
C VAL A 51 3.36 -12.95 -10.50
N LYS A 52 3.70 -13.14 -9.24
CA LYS A 52 4.94 -12.63 -8.66
C LYS A 52 5.99 -13.73 -8.57
N GLN A 53 7.24 -13.39 -8.90
CA GLN A 53 8.34 -14.35 -8.79
C GLN A 53 9.62 -13.62 -8.37
N LEU A 54 10.55 -14.35 -7.72
CA LEU A 54 11.86 -13.79 -7.37
C LEU A 54 12.77 -13.90 -8.59
N GLN A 55 13.69 -12.95 -8.72
CA GLN A 55 14.65 -12.90 -9.84
C GLN A 55 15.95 -13.59 -9.43
N GLY A 58 18.73 -15.72 -3.90
CA GLY A 58 19.09 -15.48 -2.51
C GLY A 58 18.37 -16.37 -1.52
N PRO A 59 19.08 -16.92 -0.49
CA PRO A 59 18.40 -17.79 0.49
C PRO A 59 17.50 -17.04 1.48
N ASP A 60 17.84 -15.76 1.78
CA ASP A 60 17.06 -14.89 2.66
C ASP A 60 15.87 -14.36 1.88
N GLN A 61 16.10 -14.02 0.59
CA GLN A 61 15.08 -13.57 -0.37
C GLN A 61 14.05 -14.67 -0.54
N GLN A 62 14.50 -15.94 -0.67
CA GLN A 62 13.59 -17.07 -0.80
C GLN A 62 12.77 -17.25 0.47
N ARG A 63 13.41 -17.07 1.64
CA ARG A 63 12.74 -17.18 2.94
C ARG A 63 11.70 -16.06 3.04
N ASP A 64 12.07 -14.82 2.65
CA ASP A 64 11.15 -13.67 2.73
C ASP A 64 9.98 -13.85 1.75
N PHE A 65 10.25 -14.41 0.57
CA PHE A 65 9.20 -14.66 -0.42
C PHE A 65 8.23 -15.72 0.09
N GLN A 66 8.75 -16.82 0.71
CA GLN A 66 7.88 -17.82 1.29
C GLN A 66 7.04 -17.19 2.43
N ARG A 67 7.64 -16.27 3.21
CA ARG A 67 6.94 -15.56 4.30
C ARG A 67 5.76 -14.75 3.73
N GLU A 68 6.00 -14.04 2.61
CA GLU A 68 4.99 -13.22 1.95
C GLU A 68 3.80 -14.09 1.50
N ILE A 69 4.10 -15.22 0.83
CA ILE A 69 3.08 -16.16 0.39
C ILE A 69 2.22 -16.62 1.59
N GLN A 70 2.87 -17.00 2.70
CA GLN A 70 2.16 -17.46 3.90
C GLN A 70 1.26 -16.36 4.48
N ILE A 71 1.74 -15.10 4.44
CA ILE A 71 0.96 -13.95 4.91
C ILE A 71 -0.26 -13.77 4.05
N LEU A 72 -0.07 -13.61 2.72
CA LEU A 72 -1.19 -13.35 1.82
C LEU A 72 -2.24 -14.48 1.77
N LYS A 73 -1.80 -15.74 1.83
CA LYS A 73 -2.72 -16.88 1.78
C LYS A 73 -3.66 -16.90 2.99
N ALA A 74 -3.19 -16.33 4.14
CA ALA A 74 -3.99 -16.30 5.36
C ALA A 74 -4.85 -15.02 5.52
N LEU A 75 -4.83 -14.14 4.50
CA LEU A 75 -5.67 -12.93 4.53
C LEU A 75 -6.92 -13.12 3.67
N HIS A 76 -8.10 -12.88 4.28
CA HIS A 76 -9.39 -13.04 3.64
C HIS A 76 -10.23 -11.81 3.89
N SER A 77 -10.19 -10.84 2.96
CA SER A 77 -10.91 -9.58 3.12
C SER A 77 -11.29 -9.07 1.75
N ASP A 78 -12.48 -8.44 1.66
CA ASP A 78 -12.88 -7.79 0.41
C ASP A 78 -11.93 -6.62 0.07
N PHE A 79 -11.12 -6.16 1.05
CA PHE A 79 -10.24 -5.00 0.87
C PHE A 79 -8.75 -5.34 0.78
N ILE A 80 -8.46 -6.65 0.56
CA ILE A 80 -7.09 -7.12 0.39
C ILE A 80 -7.07 -7.94 -0.88
N VAL A 81 -6.10 -7.68 -1.76
CA VAL A 81 -5.96 -8.44 -3.03
C VAL A 81 -5.98 -9.95 -2.74
N LYS A 82 -6.72 -10.70 -3.58
CA LYS A 82 -6.87 -12.12 -3.35
C LYS A 82 -5.72 -12.97 -3.78
N TYR A 83 -5.26 -13.80 -2.86
CA TYR A 83 -4.32 -14.88 -3.10
C TYR A 83 -5.08 -15.96 -3.92
N ARG A 84 -4.46 -16.47 -4.99
CA ARG A 84 -5.12 -17.57 -5.78
C ARG A 84 -4.39 -18.86 -5.59
N GLY A 85 -3.07 -18.80 -5.54
CA GLY A 85 -2.30 -20.02 -5.36
C GLY A 85 -0.83 -19.85 -5.63
N VAL A 86 -0.14 -20.96 -5.83
CA VAL A 86 1.30 -20.94 -6.12
C VAL A 86 1.56 -21.87 -7.28
N SER A 87 2.69 -21.69 -7.94
CA SER A 87 3.21 -22.63 -8.93
C SER A 87 4.59 -23.01 -8.35
N TYR A 88 4.99 -24.30 -8.41
CA TYR A 88 6.29 -24.71 -7.84
C TYR A 88 7.48 -24.73 -8.78
N SER A 94 8.84 -22.54 -3.34
CA SER A 94 7.83 -21.82 -4.11
C SER A 94 8.44 -21.02 -5.23
N LEU A 95 8.03 -21.30 -6.47
CA LEU A 95 8.56 -20.51 -7.56
C LEU A 95 7.70 -19.30 -7.82
N ARG A 96 6.33 -19.42 -7.98
CA ARG A 96 5.53 -18.20 -8.25
C ARG A 96 4.30 -18.04 -7.37
N LEU A 97 3.97 -16.79 -7.02
CA LEU A 97 2.80 -16.45 -6.21
C LEU A 97 1.71 -15.92 -7.19
N VAL A 98 0.53 -16.59 -7.23
CA VAL A 98 -0.53 -16.26 -8.17
C VAL A 98 -1.61 -15.50 -7.41
N MET A 99 -1.98 -14.32 -7.93
CA MET A 99 -2.97 -13.44 -7.32
C MET A 99 -4.01 -13.05 -8.36
N GLU A 100 -5.17 -12.58 -7.90
CA GLU A 100 -6.15 -12.08 -8.86
C GLU A 100 -5.58 -10.84 -9.61
N TYR A 101 -6.01 -10.67 -10.86
CA TYR A 101 -5.62 -9.52 -11.67
C TYR A 101 -6.79 -8.57 -11.72
N LEU A 102 -6.54 -7.29 -11.40
CA LEU A 102 -7.58 -6.24 -11.42
C LEU A 102 -7.23 -5.33 -12.59
N PRO A 103 -7.95 -5.47 -13.72
CA PRO A 103 -7.55 -4.73 -14.93
C PRO A 103 -7.61 -3.21 -14.86
N SER A 104 -8.38 -2.64 -13.90
CA SER A 104 -8.40 -1.18 -13.73
C SER A 104 -7.07 -0.67 -13.15
N GLY A 105 -6.25 -1.59 -12.64
CA GLY A 105 -4.91 -1.27 -12.14
C GLY A 105 -4.89 -0.49 -10.84
N CYS A 106 -3.77 0.19 -10.57
CA CYS A 106 -3.64 0.84 -9.27
C CYS A 106 -4.38 2.13 -9.16
N LEU A 107 -4.71 2.47 -7.93
CA LEU A 107 -5.47 3.67 -7.60
C LEU A 107 -4.77 4.94 -8.06
N ARG A 108 -3.44 4.99 -7.92
CA ARG A 108 -2.68 6.17 -8.31
C ARG A 108 -2.99 6.58 -9.76
N ASP A 109 -2.92 5.64 -10.69
CA ASP A 109 -3.15 5.94 -12.11
C ASP A 109 -4.62 6.17 -12.38
N PHE A 110 -5.46 5.40 -11.70
CA PHE A 110 -6.90 5.50 -11.85
C PHE A 110 -7.39 6.90 -11.48
N LEU A 111 -6.86 7.47 -10.39
CA LEU A 111 -7.27 8.81 -9.96
C LEU A 111 -6.87 9.86 -10.97
N GLN A 112 -5.67 9.73 -11.55
CA GLN A 112 -5.18 10.68 -12.57
C GLN A 112 -6.08 10.65 -13.81
N ARG A 113 -6.53 9.44 -14.20
CA ARG A 113 -7.37 9.28 -15.41
C ARG A 113 -8.79 9.74 -15.19
N HIS A 114 -9.32 9.54 -13.99
CA HIS A 114 -10.73 9.76 -13.73
C HIS A 114 -11.01 10.94 -12.82
N ARG A 115 -10.01 11.80 -12.58
CA ARG A 115 -10.19 12.93 -11.66
C ARG A 115 -11.45 13.75 -11.86
N ALA A 116 -11.73 14.12 -13.12
CA ALA A 116 -12.91 14.93 -13.44
C ALA A 116 -14.26 14.23 -13.23
N ARG A 117 -14.25 12.95 -12.87
CA ARG A 117 -15.43 12.15 -12.64
C ARG A 117 -15.67 11.78 -11.16
N LEU A 118 -14.61 11.74 -10.36
CA LEU A 118 -14.68 11.30 -8.96
C LEU A 118 -14.77 12.44 -7.96
N ASP A 119 -15.86 12.47 -7.17
CA ASP A 119 -16.08 13.53 -6.18
C ASP A 119 -15.50 13.17 -4.79
N ALA A 120 -15.62 14.09 -3.83
CA ALA A 120 -15.12 13.92 -2.46
C ALA A 120 -15.72 12.70 -1.77
N SER A 121 -17.03 12.45 -2.03
CA SER A 121 -17.74 11.31 -1.46
C SER A 121 -17.03 10.02 -1.92
N ARG A 122 -16.70 9.93 -3.22
CA ARG A 122 -16.02 8.75 -3.76
C ARG A 122 -14.63 8.56 -3.13
N LEU A 123 -13.87 9.64 -2.97
CA LEU A 123 -12.55 9.56 -2.33
C LEU A 123 -12.68 9.08 -0.89
N LEU A 124 -13.74 9.52 -0.18
CA LEU A 124 -13.97 9.08 1.21
C LEU A 124 -14.36 7.64 1.26
N LEU A 125 -15.09 7.15 0.23
CA LEU A 125 -15.43 5.74 0.18
C LEU A 125 -14.15 4.92 0.01
N TYR A 126 -13.23 5.33 -0.90
CA TYR A 126 -11.96 4.62 -1.05
C TYR A 126 -11.16 4.66 0.27
N SER A 127 -11.15 5.83 0.93
CA SER A 127 -10.43 6.03 2.18
C SER A 127 -10.93 5.04 3.25
N SER A 128 -12.25 4.92 3.34
CA SER A 128 -12.93 4.05 4.30
C SER A 128 -12.57 2.57 4.01
N GLN A 129 -12.53 2.19 2.73
CA GLN A 129 -12.20 0.83 2.35
C GLN A 129 -10.75 0.49 2.66
N ILE A 130 -9.83 1.40 2.35
CA ILE A 130 -8.44 1.18 2.68
C ILE A 130 -8.28 1.05 4.21
N CYS A 131 -8.95 1.95 4.96
CA CYS A 131 -8.92 1.91 6.42
C CYS A 131 -9.44 0.55 6.94
N LYS A 132 -10.56 0.05 6.38
CA LYS A 132 -11.11 -1.25 6.80
C LYS A 132 -10.11 -2.38 6.50
N GLY A 133 -9.42 -2.30 5.34
CA GLY A 133 -8.39 -3.29 5.00
C GLY A 133 -7.25 -3.26 6.00
N MET A 134 -6.84 -2.03 6.40
CA MET A 134 -5.75 -1.81 7.35
C MET A 134 -6.14 -2.25 8.77
N GLU A 135 -7.41 -2.01 9.18
CA GLU A 135 -7.86 -2.49 10.50
C GLU A 135 -7.74 -4.03 10.53
N TYR A 136 -8.15 -4.68 9.44
CA TYR A 136 -8.08 -6.12 9.32
C TYR A 136 -6.61 -6.59 9.36
N LEU A 137 -5.72 -5.97 8.55
CA LEU A 137 -4.30 -6.35 8.63
C LEU A 137 -3.76 -6.24 10.06
N GLY A 138 -4.09 -5.15 10.75
CA GLY A 138 -3.66 -4.90 12.13
C GLY A 138 -4.16 -6.01 13.05
N SER A 139 -5.39 -6.47 12.80
CA SER A 139 -5.98 -7.55 13.61
C SER A 139 -5.21 -8.88 13.42
N ARG A 140 -4.48 -9.02 12.29
CA ARG A 140 -3.70 -10.21 11.96
C ARG A 140 -2.23 -10.05 12.39
N ARG A 141 -1.94 -8.93 13.11
CA ARG A 141 -0.61 -8.53 13.56
C ARG A 141 0.31 -8.31 12.37
N CYS A 142 -0.25 -7.87 11.24
CA CYS A 142 0.50 -7.65 10.03
C CYS A 142 0.82 -6.17 9.85
N VAL A 143 2.11 -5.81 9.74
CA VAL A 143 2.57 -4.46 9.41
C VAL A 143 2.76 -4.48 7.85
N HIS A 144 2.10 -3.59 7.12
CA HIS A 144 2.22 -3.60 5.65
C HIS A 144 3.56 -3.00 5.15
N ARG A 145 3.95 -1.85 5.71
CA ARG A 145 5.23 -1.17 5.44
C ARG A 145 5.35 -0.52 4.05
N ASP A 146 4.36 -0.70 3.16
CA ASP A 146 4.51 -0.08 1.83
C ASP A 146 3.17 0.49 1.36
N LEU A 147 2.39 1.03 2.30
CA LEU A 147 1.10 1.58 1.93
C LEU A 147 1.30 2.89 1.14
N ALA A 148 0.75 2.95 -0.08
CA ALA A 148 0.85 4.07 -1.02
C ALA A 148 -0.18 3.85 -2.13
N ALA A 149 -0.67 4.94 -2.76
CA ALA A 149 -1.74 4.78 -3.78
C ALA A 149 -1.36 3.87 -4.95
N ARG A 150 -0.04 3.76 -5.26
CA ARG A 150 0.47 2.87 -6.32
C ARG A 150 0.27 1.39 -5.95
N ASN A 151 0.11 1.12 -4.62
CA ASN A 151 -0.05 -0.25 -4.11
C ASN A 151 -1.51 -0.58 -3.72
N ILE A 152 -2.42 0.30 -4.06
CA ILE A 152 -3.84 0.08 -3.84
C ILE A 152 -4.44 -0.18 -5.22
N LEU A 153 -5.21 -1.27 -5.34
CA LEU A 153 -5.79 -1.64 -6.62
C LEU A 153 -7.25 -1.31 -6.72
N VAL A 154 -7.71 -1.07 -7.96
CA VAL A 154 -9.09 -0.74 -8.21
C VAL A 154 -9.84 -1.98 -8.72
N GLU A 155 -10.77 -2.50 -7.92
CA GLU A 155 -11.63 -3.65 -8.27
C GLU A 155 -12.75 -3.17 -9.22
N SER A 156 -13.28 -1.98 -8.91
CA SER A 156 -14.33 -1.32 -9.68
C SER A 156 -14.33 0.15 -9.26
N GLU A 157 -15.11 1.00 -9.97
CA GLU A 157 -15.23 2.44 -9.66
CA GLU A 157 -15.11 2.42 -9.62
C GLU A 157 -15.57 2.72 -8.17
N ALA A 158 -16.22 1.75 -7.47
CA ALA A 158 -16.62 1.94 -6.07
C ALA A 158 -15.97 0.90 -5.11
N HIS A 159 -14.83 0.31 -5.51
CA HIS A 159 -14.24 -0.74 -4.66
C HIS A 159 -12.72 -0.79 -4.88
N VAL A 160 -11.96 -0.59 -3.79
CA VAL A 160 -10.49 -0.66 -3.86
C VAL A 160 -9.97 -1.78 -2.94
N LYS A 161 -8.73 -2.24 -3.19
CA LYS A 161 -8.09 -3.30 -2.41
C LYS A 161 -6.61 -3.02 -2.17
N ILE A 162 -6.10 -3.39 -1.00
CA ILE A 162 -4.67 -3.22 -0.68
C ILE A 162 -3.87 -4.35 -1.31
N ALA A 163 -2.76 -3.98 -1.96
CA ALA A 163 -1.85 -4.93 -2.56
C ALA A 163 -0.40 -4.66 -2.14
N ASP A 164 0.52 -5.45 -2.70
CA ASP A 164 1.99 -5.39 -2.46
C ASP A 164 2.37 -5.72 -1.05
N PHE A 165 2.53 -7.03 -0.79
CA PHE A 165 2.89 -7.51 0.52
C PHE A 165 4.37 -7.90 0.58
N GLY A 166 5.17 -7.34 -0.35
CA GLY A 166 6.59 -7.67 -0.45
C GLY A 166 7.40 -7.25 0.77
N LEU A 167 6.93 -6.26 1.55
CA LEU A 167 7.65 -5.81 2.75
C LEU A 167 6.87 -6.08 4.03
N ALA A 168 5.73 -6.77 3.91
CA ALA A 168 4.86 -7.05 5.06
C ALA A 168 5.55 -7.95 6.07
N LYS A 169 5.25 -7.74 7.35
CA LYS A 169 5.86 -8.58 8.40
C LYS A 169 4.84 -8.80 9.50
N LEU A 170 4.90 -9.99 10.11
CA LEU A 170 4.01 -10.33 11.21
C LEU A 170 4.70 -9.96 12.52
N LEU A 171 3.97 -9.31 13.41
CA LEU A 171 4.52 -8.95 14.71
C LEU A 171 4.40 -10.17 15.62
N PRO A 172 5.46 -10.50 16.39
CA PRO A 172 5.31 -11.61 17.36
C PRO A 172 4.26 -11.20 18.40
N LEU A 173 3.68 -12.18 19.12
CA LEU A 173 2.64 -11.90 20.12
C LEU A 173 3.03 -10.90 21.21
N ASP A 174 4.32 -10.86 21.58
CA ASP A 174 4.76 -10.02 22.70
C ASP A 174 5.46 -8.71 22.37
N LYS A 175 5.45 -8.28 21.07
CA LYS A 175 6.16 -7.08 20.65
C LYS A 175 5.28 -6.40 19.59
N ASP A 176 5.02 -5.08 19.72
CA ASP A 176 4.13 -4.35 18.79
C ASP A 176 4.88 -3.52 17.74
N TYR A 177 6.17 -3.80 17.55
CA TYR A 177 6.97 -3.10 16.57
C TYR A 177 8.13 -3.99 16.10
N TYR A 178 8.84 -3.56 15.06
CA TYR A 178 10.07 -4.23 14.65
C TYR A 178 11.13 -3.24 14.18
N VAL A 179 12.38 -3.64 14.26
CA VAL A 179 13.49 -2.80 13.85
C VAL A 179 14.19 -3.52 12.70
N VAL A 180 14.55 -2.76 11.64
CA VAL A 180 15.26 -3.27 10.46
C VAL A 180 16.70 -2.82 10.61
N ARG A 181 17.66 -3.70 10.28
CA ARG A 181 19.09 -3.40 10.37
C ARG A 181 19.53 -2.33 9.36
N GLU A 182 19.07 -2.44 8.11
CA GLU A 182 19.43 -1.48 7.06
C GLU A 182 18.27 -0.52 6.77
N PRO A 183 18.54 0.77 6.44
CA PRO A 183 17.43 1.68 6.09
C PRO A 183 16.69 1.20 4.84
N GLY A 184 15.43 1.59 4.73
CA GLY A 184 14.55 1.19 3.64
C GLY A 184 14.95 1.67 2.26
N GLN A 185 14.46 0.98 1.23
CA GLN A 185 14.72 1.29 -0.16
C GLN A 185 13.49 1.87 -0.88
N SER A 186 12.45 2.20 -0.11
CA SER A 186 11.24 2.77 -0.73
C SER A 186 11.39 4.30 -0.83
N PRO A 187 10.71 4.98 -1.80
CA PRO A 187 10.75 6.46 -1.83
C PRO A 187 10.39 6.96 -0.45
N ILE A 188 11.22 7.84 0.11
CA ILE A 188 11.19 8.22 1.52
C ILE A 188 9.94 8.97 2.04
N PHE A 189 9.14 9.48 1.13
CA PHE A 189 8.04 10.40 1.42
C PHE A 189 6.81 9.81 2.09
N TRP A 190 6.80 8.49 2.29
CA TRP A 190 5.67 7.82 2.97
C TRP A 190 6.06 7.30 4.36
N TYR A 191 7.38 7.36 4.70
CA TYR A 191 7.90 6.83 5.97
C TYR A 191 7.58 7.75 7.18
N ALA A 192 7.17 7.14 8.29
CA ALA A 192 6.96 7.81 9.57
C ALA A 192 8.35 8.30 10.09
N PRO A 193 8.40 9.36 10.93
CA PRO A 193 9.71 9.85 11.43
C PRO A 193 10.54 8.78 12.13
N GLU A 194 9.90 7.89 12.94
CA GLU A 194 10.60 6.82 13.63
C GLU A 194 11.20 5.80 12.69
N SER A 195 10.63 5.64 11.47
CA SER A 195 11.17 4.74 10.48
C SER A 195 12.38 5.41 9.82
N LEU A 196 12.26 6.71 9.49
CA LEU A 196 13.37 7.49 8.92
C LEU A 196 14.58 7.56 9.89
N SER A 197 14.30 7.80 11.16
CA SER A 197 15.35 7.98 12.16
C SER A 197 15.94 6.69 12.70
N ASP A 198 15.08 5.75 13.10
CA ASP A 198 15.53 4.50 13.73
C ASP A 198 15.13 3.20 13.08
N ASN A 199 14.56 3.23 11.85
CA ASN A 199 14.13 2.03 11.13
C ASN A 199 13.13 1.19 11.93
N ILE A 200 12.28 1.87 12.70
CA ILE A 200 11.24 1.22 13.51
C ILE A 200 9.96 1.20 12.69
N PHE A 201 9.32 0.03 12.59
CA PHE A 201 8.05 -0.09 11.91
C PHE A 201 7.04 -0.73 12.84
N SER A 202 5.77 -0.34 12.67
CA SER A 202 4.64 -0.80 13.51
C SER A 202 3.30 -0.52 12.82
N ARG A 203 2.20 -0.94 13.46
CA ARG A 203 0.89 -0.61 12.89
C ARG A 203 0.72 0.93 12.91
N GLN A 204 1.40 1.62 13.84
CA GLN A 204 1.32 3.07 13.96
C GLN A 204 2.10 3.78 12.86
N SER A 205 3.17 3.15 12.33
CA SER A 205 3.86 3.78 11.21
C SER A 205 3.00 3.55 9.95
N ASP A 206 2.21 2.43 9.90
CA ASP A 206 1.26 2.24 8.79
C ASP A 206 0.19 3.35 8.83
N VAL A 207 -0.20 3.83 10.04
CA VAL A 207 -1.16 4.95 10.16
C VAL A 207 -0.56 6.21 9.55
N TRP A 208 0.74 6.48 9.82
CA TRP A 208 1.41 7.66 9.23
C TRP A 208 1.31 7.57 7.69
N SER A 209 1.67 6.41 7.13
CA SER A 209 1.63 6.19 5.66
C SER A 209 0.23 6.34 5.14
N PHE A 210 -0.77 5.88 5.91
CA PHE A 210 -2.17 6.06 5.54
C PHE A 210 -2.53 7.54 5.40
N GLY A 211 -1.98 8.38 6.29
CA GLY A 211 -2.21 9.82 6.16
C GLY A 211 -1.69 10.33 4.83
N VAL A 212 -0.54 9.80 4.38
CA VAL A 212 0.01 10.20 3.07
C VAL A 212 -0.90 9.66 1.94
N VAL A 213 -1.47 8.45 2.12
CA VAL A 213 -2.41 7.92 1.12
C VAL A 213 -3.66 8.85 1.05
N LEU A 214 -4.17 9.35 2.21
CA LEU A 214 -5.31 10.28 2.20
C LEU A 214 -4.93 11.54 1.40
N TYR A 215 -3.70 12.04 1.62
CA TYR A 215 -3.17 13.18 0.87
C TYR A 215 -3.18 12.83 -0.64
N GLU A 216 -2.66 11.65 -1.02
CA GLU A 216 -2.64 11.23 -2.42
C GLU A 216 -4.06 11.19 -2.99
N LEU A 217 -5.02 10.58 -2.27
CA LEU A 217 -6.39 10.54 -2.75
C LEU A 217 -6.95 11.94 -3.03
N PHE A 218 -6.77 12.86 -2.06
CA PHE A 218 -7.32 14.19 -2.17
C PHE A 218 -6.63 15.13 -3.16
N THR A 219 -5.43 14.74 -3.62
CA THR A 219 -4.75 15.47 -4.70
C THR A 219 -5.02 14.75 -6.06
N TYR A 220 -5.82 13.66 -6.02
CA TYR A 220 -6.06 12.79 -7.20
C TYR A 220 -4.74 12.31 -7.80
N CYS A 221 -3.73 12.14 -6.93
CA CYS A 221 -2.40 11.71 -7.33
C CYS A 221 -1.78 12.58 -8.43
N ASP A 222 -2.11 13.90 -8.41
CA ASP A 222 -1.53 14.85 -9.34
C ASP A 222 -0.03 14.86 -9.12
N LYS A 223 0.75 14.67 -10.16
CA LYS A 223 2.22 14.65 -10.00
C LYS A 223 2.81 15.97 -9.49
N SER A 224 2.19 17.11 -9.83
CA SER A 224 2.75 18.42 -9.45
C SER A 224 2.73 18.73 -7.96
N CYS A 225 1.81 18.09 -7.21
CA CYS A 225 1.76 18.27 -5.75
C CYS A 225 1.87 16.91 -5.07
N SER A 226 2.54 15.95 -5.71
CA SER A 226 2.76 14.63 -5.13
C SER A 226 3.60 14.70 -3.83
N PRO A 227 3.56 13.69 -2.95
CA PRO A 227 4.42 13.74 -1.74
C PRO A 227 5.88 14.02 -2.08
N SER A 228 6.44 13.37 -3.16
CA SER A 228 7.81 13.67 -3.59
C SER A 228 7.99 15.14 -4.02
N ALA A 229 7.15 15.60 -4.96
CA ALA A 229 7.30 16.97 -5.51
C ALA A 229 7.16 18.03 -4.43
N GLU A 230 6.12 17.91 -3.59
CA GLU A 230 5.84 18.89 -2.57
C GLU A 230 6.83 18.88 -1.43
N PHE A 231 7.21 17.69 -0.89
CA PHE A 231 8.23 17.65 0.15
C PHE A 231 9.58 18.19 -0.39
N LEU A 232 9.95 17.83 -1.64
CA LEU A 232 11.22 18.31 -2.19
C LEU A 232 11.23 19.83 -2.33
N ARG A 233 10.08 20.40 -2.69
CA ARG A 233 9.91 21.84 -2.80
C ARG A 233 9.99 22.50 -1.41
N MET A 234 9.36 21.89 -0.39
CA MET A 234 9.40 22.40 0.98
C MET A 234 10.82 22.32 1.62
N MET A 235 11.61 21.29 1.22
CA MET A 235 12.95 20.98 1.72
C MET A 235 13.99 22.03 1.33
N ASP A 240 26.64 20.64 4.12
CA ASP A 240 25.81 19.74 3.32
C ASP A 240 25.08 18.72 4.18
N VAL A 241 23.78 18.52 3.92
CA VAL A 241 22.89 17.61 4.64
C VAL A 241 22.07 16.78 3.62
N PRO A 242 22.01 15.42 3.72
CA PRO A 242 21.25 14.62 2.73
C PRO A 242 19.71 14.77 2.81
N ALA A 243 19.00 14.39 1.73
CA ALA A 243 17.53 14.46 1.63
C ALA A 243 16.78 13.77 2.77
N LEU A 244 17.22 12.54 3.15
CA LEU A 244 16.60 11.81 4.25
C LEU A 244 16.67 12.65 5.53
N SER A 245 17.88 13.16 5.87
CA SER A 245 18.09 14.01 7.04
C SER A 245 17.33 15.34 6.92
N ARG A 246 17.22 15.90 5.68
CA ARG A 246 16.50 17.14 5.40
C ARG A 246 14.98 16.94 5.64
N LEU A 247 14.45 15.78 5.21
CA LEU A 247 13.04 15.47 5.42
C LEU A 247 12.75 15.26 6.90
N LEU A 248 13.61 14.49 7.59
CA LEU A 248 13.48 14.25 9.02
C LEU A 248 13.47 15.59 9.79
N GLU A 249 14.35 16.55 9.41
CA GLU A 249 14.42 17.89 10.02
C GLU A 249 13.09 18.65 9.83
N LEU A 250 12.58 18.71 8.59
CA LEU A 250 11.30 19.34 8.23
C LEU A 250 10.17 18.76 9.12
N LEU A 251 10.08 17.40 9.18
CA LEU A 251 9.04 16.72 9.95
C LEU A 251 9.15 17.00 11.45
N GLU A 252 10.37 16.97 11.97
CA GLU A 252 10.65 17.23 13.39
C GLU A 252 10.27 18.66 13.83
N GLU A 253 10.38 19.64 12.90
CA GLU A 253 9.99 21.05 13.08
C GLU A 253 8.46 21.18 13.13
N GLY A 254 7.77 20.12 12.71
CA GLY A 254 6.31 20.10 12.67
C GLY A 254 5.77 20.48 11.31
N GLN A 255 6.64 20.66 10.29
CA GLN A 255 6.15 20.98 8.92
C GLN A 255 5.51 19.72 8.36
N ARG A 256 4.48 19.90 7.56
CA ARG A 256 3.73 18.80 6.94
C ARG A 256 3.32 19.19 5.56
N LEU A 257 2.86 18.19 4.78
CA LEU A 257 2.27 18.44 3.47
C LEU A 257 1.05 19.37 3.65
N PRO A 258 0.84 20.26 2.69
CA PRO A 258 -0.26 21.24 2.84
C PRO A 258 -1.59 20.59 2.49
N ALA A 259 -2.70 21.18 2.91
CA ALA A 259 -3.99 20.65 2.53
C ALA A 259 -4.11 20.65 0.99
N PRO A 260 -4.49 19.52 0.39
CA PRO A 260 -4.69 19.50 -1.07
C PRO A 260 -5.66 20.58 -1.58
N PRO A 261 -5.52 21.03 -2.84
CA PRO A 261 -6.49 21.99 -3.39
C PRO A 261 -7.92 21.50 -3.23
N ALA A 262 -8.81 22.34 -2.66
CA ALA A 262 -10.25 22.05 -2.43
C ALA A 262 -10.54 20.90 -1.45
N CYS A 263 -9.53 20.53 -0.63
CA CYS A 263 -9.69 19.45 0.34
C CYS A 263 -10.73 19.82 1.42
N PRO A 264 -11.67 18.91 1.75
CA PRO A 264 -12.59 19.22 2.89
C PRO A 264 -11.74 19.39 4.15
N ALA A 265 -12.04 20.42 4.97
CA ALA A 265 -11.27 20.71 6.18
C ALA A 265 -11.16 19.53 7.13
N GLU A 266 -12.25 18.78 7.31
CA GLU A 266 -12.28 17.65 8.22
C GLU A 266 -11.29 16.54 7.77
N VAL A 267 -11.14 16.37 6.45
CA VAL A 267 -10.23 15.38 5.88
C VAL A 267 -8.76 15.75 6.17
N HIS A 268 -8.39 17.04 5.95
CA HIS A 268 -7.05 17.53 6.26
C HIS A 268 -6.74 17.39 7.76
N GLU A 269 -7.74 17.63 8.64
CA GLU A 269 -7.55 17.44 10.09
C GLU A 269 -7.22 15.97 10.41
N LEU A 270 -7.86 15.01 9.72
CA LEU A 270 -7.57 13.58 9.92
C LEU A 270 -6.17 13.27 9.47
N MET A 271 -5.73 13.81 8.30
CA MET A 271 -4.36 13.60 7.84
C MET A 271 -3.35 14.06 8.93
N LYS A 272 -3.59 15.26 9.51
CA LYS A 272 -2.70 15.81 10.52
C LYS A 272 -2.61 14.93 11.78
N LEU A 273 -3.73 14.24 12.12
CA LEU A 273 -3.76 13.32 13.27
C LEU A 273 -2.93 12.08 12.94
N CYS A 274 -3.03 11.59 11.68
CA CYS A 274 -2.21 10.44 11.23
C CYS A 274 -0.74 10.78 11.30
N TRP A 275 -0.40 12.08 11.11
CA TRP A 275 0.96 12.55 11.15
C TRP A 275 1.38 13.11 12.50
N ALA A 276 0.79 12.61 13.59
CA ALA A 276 1.23 13.04 14.93
C ALA A 276 2.69 12.59 15.10
N PRO A 277 3.56 13.46 15.67
CA PRO A 277 4.98 13.11 15.77
C PRO A 277 5.26 11.76 16.43
N SER A 278 4.57 11.49 17.53
CA SER A 278 4.78 10.24 18.27
C SER A 278 3.80 9.16 17.82
N PRO A 279 4.27 7.91 17.58
CA PRO A 279 3.33 6.85 17.15
C PRO A 279 2.19 6.58 18.12
N GLN A 280 2.44 6.74 19.45
CA GLN A 280 1.36 6.51 20.42
C GLN A 280 0.26 7.58 20.38
N ASP A 281 0.53 8.76 19.77
CA ASP A 281 -0.45 9.84 19.64
C ASP A 281 -1.28 9.76 18.38
N ARG A 282 -0.88 8.91 17.41
CA ARG A 282 -1.66 8.76 16.18
C ARG A 282 -2.91 7.94 16.48
N PRO A 283 -4.03 8.21 15.79
CA PRO A 283 -5.22 7.38 16.01
C PRO A 283 -5.00 5.99 15.43
N SER A 284 -5.72 4.99 15.94
CA SER A 284 -5.62 3.67 15.34
C SER A 284 -6.56 3.62 14.13
N PHE A 285 -6.38 2.62 13.26
CA PHE A 285 -7.30 2.41 12.16
C PHE A 285 -8.71 2.18 12.67
N SER A 286 -8.86 1.49 13.83
CA SER A 286 -10.18 1.25 14.40
C SER A 286 -10.87 2.56 14.80
N ALA A 287 -10.11 3.60 15.21
CA ALA A 287 -10.63 4.94 15.55
C ALA A 287 -10.89 5.79 14.30
N LEU A 288 -10.04 5.65 13.26
CA LEU A 288 -10.19 6.39 11.99
C LEU A 288 -11.40 5.93 11.20
N GLY A 289 -11.63 4.62 11.18
CA GLY A 289 -12.72 3.99 10.44
C GLY A 289 -14.07 4.67 10.61
N PRO A 290 -14.58 4.78 11.86
CA PRO A 290 -15.89 5.43 12.08
C PRO A 290 -15.93 6.90 11.66
N GLN A 291 -14.78 7.61 11.80
CA GLN A 291 -14.66 9.02 11.44
C GLN A 291 -14.76 9.18 9.94
N LEU A 292 -14.10 8.30 9.18
CA LEU A 292 -14.19 8.35 7.71
C LEU A 292 -15.59 8.01 7.23
N ASP A 293 -16.23 6.99 7.83
CA ASP A 293 -17.60 6.57 7.53
C ASP A 293 -18.61 7.70 7.78
N MET A 294 -18.41 8.46 8.89
CA MET A 294 -19.26 9.61 9.25
C MET A 294 -19.10 10.70 8.19
N LEU A 295 -17.84 10.99 7.76
CA LEU A 295 -17.59 12.00 6.72
C LEU A 295 -18.17 11.58 5.38
N TRP A 296 -18.07 10.30 5.03
CA TRP A 296 -18.62 9.77 3.77
C TRP A 296 -20.16 9.93 3.77
N SER A 297 -20.82 9.60 4.91
CA SER A 297 -22.28 9.75 5.08
C SER A 297 -22.72 11.22 5.04
N3 G4Y B . -3.01 -7.91 -8.91
C4 G4Y B . 2.39 -2.88 -9.97
N2 G4Y B . -3.71 -6.44 -10.71
C7 G4Y B . 3.40 -1.89 -9.73
C6 G4Y B . 0.01 -2.93 -10.35
C9 G4Y B . 1.47 -0.76 -10.43
C13 G4Y B . -1.59 -6.17 -9.45
C20 G4Y B . 1.53 -4.95 -6.33
C21 G4Y B . 0.39 -5.25 -7.06
C8 G4Y B . 2.90 -0.67 -9.92
N5 G4Y B . 0.57 1.79 -11.66
C18 G4Y B . 2.19 -7.25 -6.36
C16 G4Y B . 0.15 -6.57 -7.47
C19 G4Y B . 2.43 -5.95 -5.99
C1 G4Y B . -0.02 -4.33 -10.24
C2 G4Y B . 1.21 -4.98 -10.06
C3 G4Y B . 2.39 -4.28 -9.90
C5 G4Y B . 1.18 -2.19 -10.22
C10 G4Y B . -1.29 -5.08 -10.29
N1 G4Y B . -2.17 -4.67 -11.23
C11 G4Y B . -3.31 -5.35 -11.38
C12 G4Y B . -2.84 -6.85 -9.76
C14 G4Y B . -1.95 -7.94 -8.03
C15 G4Y B . -1.05 -6.90 -8.30
C17 G4Y B . 1.06 -7.57 -7.12
N4 G4Y B . 0.44 0.10 -9.86
C22 G4Y B . 0.09 1.29 -10.54
#